data_4UEG
#
_entry.id   4UEG
#
_cell.length_a   127.113
_cell.length_b   80.541
_cell.length_c   73.683
_cell.angle_alpha   90.00
_cell.angle_beta   118.74
_cell.angle_gamma   90.00
#
_symmetry.space_group_name_H-M   'C 1 2 1'
#
loop_
_entity.id
_entity.type
_entity.pdbx_description
1 polymer GLYCOGENIN-2
2 non-polymer 'MAGNESIUM ION'
3 water water
#
_entity_poly.entity_id   1
_entity_poly.type   'polypeptide(L)'
_entity_poly.pdbx_seq_one_letter_code
;MTDQAFVTLATNDIYCQGALVLGQSLRRHRLTRKLVVLITPQVSDLLRRILSKVFDEVIEVNLIDSADYIHLAFLKRPEL
GLTLTKLHCWTLTHYSKCVFLDADTLVLSNVDELFDRGEFSAAPDPGWPDCFNSGVFVFQPSLHTHKLLLQHAMEHGSFD
GADQGLLNSFFRNWSTTDIHKHLPFIYNLSSNTMYTYSPAFKQFGSSAKVVHFLGSMKPWNYKYNPQSGSVLEQGSVSSS
QHQAAFLHLWWTVYQNNVLPLYKSVQAENLYFQSHHHHHHDYKDDDDK
;
_entity_poly.pdbx_strand_id   A,B
#
# COMPACT_ATOMS: atom_id res chain seq x y z
N THR A 2 35.69 -1.79 -5.66
CA THR A 2 35.85 -0.43 -5.16
C THR A 2 34.90 -0.16 -4.00
N ASP A 3 34.88 1.09 -3.56
CA ASP A 3 33.96 1.55 -2.53
C ASP A 3 32.78 2.29 -3.15
N GLN A 4 32.34 1.80 -4.30
CA GLN A 4 31.21 2.38 -5.02
C GLN A 4 30.16 1.32 -5.34
N ALA A 5 28.90 1.74 -5.43
CA ALA A 5 27.80 0.80 -5.59
C ALA A 5 26.63 1.39 -6.35
N PHE A 6 25.97 0.54 -7.13
CA PHE A 6 24.63 0.86 -7.62
C PHE A 6 23.66 0.48 -6.50
N VAL A 7 22.60 1.26 -6.36
CA VAL A 7 21.66 1.04 -5.28
C VAL A 7 20.26 1.17 -5.85
N THR A 8 19.38 0.26 -5.47
CA THR A 8 17.97 0.33 -5.83
C THR A 8 17.13 -0.04 -4.61
N LEU A 9 15.81 -0.02 -4.79
CA LEU A 9 14.87 -0.25 -3.69
C LEU A 9 13.70 -1.09 -4.15
N ALA A 10 13.43 -2.17 -3.42
CA ALA A 10 12.25 -3.00 -3.64
C ALA A 10 11.33 -2.91 -2.41
N THR A 11 10.11 -2.40 -2.59
CA THR A 11 9.23 -2.12 -1.46
C THR A 11 8.24 -3.25 -1.16
N ASN A 12 8.12 -4.19 -2.10
CA ASN A 12 7.37 -5.42 -1.88
C ASN A 12 7.75 -6.46 -2.93
N ASP A 13 7.26 -7.69 -2.74
CA ASP A 13 7.64 -8.81 -3.61
C ASP A 13 7.30 -8.57 -5.08
N ILE A 14 6.22 -7.83 -5.34
CA ILE A 14 5.84 -7.52 -6.72
C ILE A 14 6.87 -6.61 -7.36
N TYR A 15 7.24 -5.54 -6.66
N TYR A 15 7.22 -5.53 -6.66
CA TYR A 15 8.16 -4.56 -7.22
CA TYR A 15 8.18 -4.56 -7.19
C TYR A 15 9.59 -5.14 -7.31
C TYR A 15 9.56 -5.18 -7.35
N CYS A 16 9.82 -6.26 -6.63
CA CYS A 16 11.09 -6.97 -6.74
C CYS A 16 11.37 -7.41 -8.17
N GLN A 17 10.33 -7.65 -8.95
CA GLN A 17 10.48 -8.01 -10.35
C GLN A 17 11.25 -6.91 -11.07
N GLY A 18 10.94 -5.66 -10.73
CA GLY A 18 11.61 -4.51 -11.31
C GLY A 18 13.07 -4.43 -10.87
N ALA A 19 13.31 -4.64 -9.58
CA ALA A 19 14.66 -4.56 -9.04
C ALA A 19 15.55 -5.65 -9.63
N LEU A 20 14.98 -6.83 -9.83
CA LEU A 20 15.73 -7.96 -10.37
C LEU A 20 16.12 -7.71 -11.82
N VAL A 21 15.19 -7.18 -12.61
CA VAL A 21 15.46 -6.88 -14.02
C VAL A 21 16.54 -5.80 -14.09
N LEU A 22 16.38 -4.77 -13.27
CA LEU A 22 17.36 -3.69 -13.21
C LEU A 22 18.74 -4.27 -12.88
N GLY A 23 18.80 -5.08 -11.84
CA GLY A 23 20.04 -5.63 -11.36
C GLY A 23 20.72 -6.49 -12.41
N GLN A 24 19.94 -7.36 -13.06
CA GLN A 24 20.50 -8.23 -14.08
C GLN A 24 21.00 -7.42 -15.27
N SER A 25 20.31 -6.34 -15.61
CA SER A 25 20.72 -5.53 -16.75
C SER A 25 22.06 -4.84 -16.47
N LEU A 26 22.31 -4.54 -15.20
CA LEU A 26 23.61 -4.01 -14.77
C LEU A 26 24.70 -5.08 -14.88
N ARG A 27 24.39 -6.30 -14.44
CA ARG A 27 25.36 -7.39 -14.49
C ARG A 27 25.71 -7.78 -15.92
N ARG A 28 24.83 -7.42 -16.85
CA ARG A 28 25.02 -7.80 -18.25
C ARG A 28 26.12 -7.01 -18.95
N HIS A 29 26.38 -5.78 -18.51
CA HIS A 29 27.25 -4.86 -19.25
C HIS A 29 28.50 -4.46 -18.47
N ARG A 30 29.48 -5.35 -18.46
CA ARG A 30 30.78 -5.15 -17.81
C ARG A 30 30.62 -4.65 -16.37
N LEU A 31 30.28 -5.57 -15.48
CA LEU A 31 30.04 -5.22 -14.10
C LEU A 31 31.35 -4.94 -13.35
N THR A 32 31.48 -3.73 -12.82
CA THR A 32 32.68 -3.31 -12.10
C THR A 32 32.38 -2.83 -10.68
N ARG A 33 31.11 -2.62 -10.37
CA ARG A 33 30.70 -2.10 -9.05
C ARG A 33 29.85 -3.10 -8.27
N LYS A 34 29.73 -2.86 -6.97
CA LYS A 34 28.83 -3.66 -6.14
C LYS A 34 27.39 -3.28 -6.45
N LEU A 35 26.49 -4.23 -6.23
CA LEU A 35 25.06 -3.99 -6.39
C LEU A 35 24.36 -4.14 -5.05
N VAL A 36 23.50 -3.17 -4.73
CA VAL A 36 22.78 -3.14 -3.47
C VAL A 36 21.29 -2.95 -3.72
N VAL A 37 20.46 -3.74 -3.04
CA VAL A 37 19.01 -3.48 -3.02
C VAL A 37 18.53 -3.25 -1.59
N LEU A 38 17.91 -2.10 -1.37
CA LEU A 38 17.21 -1.82 -0.12
C LEU A 38 15.83 -2.46 -0.20
N ILE A 39 15.39 -3.06 0.90
CA ILE A 39 14.07 -3.66 0.94
C ILE A 39 13.29 -3.27 2.20
N THR A 40 11.97 -3.37 2.10
CA THR A 40 11.09 -3.17 3.24
C THR A 40 10.97 -4.48 4.01
N PRO A 41 10.53 -4.43 5.27
CA PRO A 41 10.46 -5.69 6.03
C PRO A 41 9.51 -6.70 5.41
N GLN A 42 8.52 -6.25 4.63
CA GLN A 42 7.51 -7.14 4.09
C GLN A 42 7.96 -7.91 2.85
N VAL A 43 9.17 -7.63 2.36
CA VAL A 43 9.72 -8.44 1.29
C VAL A 43 10.00 -9.83 1.88
N SER A 44 9.44 -10.85 1.24
CA SER A 44 9.42 -12.20 1.81
C SER A 44 10.81 -12.84 1.83
N ASP A 45 10.98 -13.88 2.65
CA ASP A 45 12.24 -14.62 2.71
C ASP A 45 12.61 -15.22 1.35
N LEU A 46 11.61 -15.73 0.63
CA LEU A 46 11.85 -16.31 -0.68
C LEU A 46 12.49 -15.30 -1.63
N LEU A 47 11.95 -14.08 -1.65
CA LEU A 47 12.47 -13.10 -2.59
C LEU A 47 13.78 -12.51 -2.13
N ARG A 48 14.05 -12.53 -0.83
CA ARG A 48 15.38 -12.17 -0.34
C ARG A 48 16.42 -13.12 -0.92
N ARG A 49 16.10 -14.42 -0.91
CA ARG A 49 16.98 -15.43 -1.47
C ARG A 49 17.19 -15.21 -2.97
N ILE A 50 16.14 -14.81 -3.66
CA ILE A 50 16.22 -14.55 -5.09
C ILE A 50 17.05 -13.29 -5.33
N LEU A 51 16.74 -12.22 -4.60
CA LEU A 51 17.52 -11.00 -4.70
C LEU A 51 19.01 -11.25 -4.44
N SER A 52 19.31 -12.21 -3.56
CA SER A 52 20.69 -12.52 -3.20
C SER A 52 21.48 -13.11 -4.36
N LYS A 53 20.79 -13.61 -5.37
CA LYS A 53 21.46 -14.18 -6.53
C LYS A 53 21.88 -13.10 -7.52
N VAL A 54 21.44 -11.87 -7.27
CA VAL A 54 21.71 -10.74 -8.17
C VAL A 54 22.50 -9.65 -7.46
N PHE A 55 22.10 -9.33 -6.24
CA PHE A 55 22.67 -8.22 -5.48
C PHE A 55 23.71 -8.66 -4.44
N ASP A 56 24.76 -7.85 -4.29
CA ASP A 56 25.84 -8.13 -3.35
C ASP A 56 25.40 -7.92 -1.91
N GLU A 57 24.49 -6.95 -1.73
CA GLU A 57 23.90 -6.67 -0.44
C GLU A 57 22.40 -6.57 -0.59
N VAL A 58 21.68 -7.26 0.30
CA VAL A 58 20.24 -7.13 0.44
C VAL A 58 19.97 -6.57 1.82
N ILE A 59 19.59 -5.30 1.90
CA ILE A 59 19.57 -4.57 3.17
C ILE A 59 18.14 -4.19 3.54
N GLU A 60 17.65 -4.78 4.62
CA GLU A 60 16.31 -4.47 5.09
C GLU A 60 16.30 -3.16 5.86
N VAL A 61 15.36 -2.30 5.51
CA VAL A 61 15.18 -1.01 6.16
C VAL A 61 13.90 -1.08 7.00
N ASN A 62 14.07 -1.09 8.31
CA ASN A 62 12.93 -1.08 9.26
C ASN A 62 12.93 0.25 9.99
N LEU A 63 12.02 1.14 9.60
CA LEU A 63 11.99 2.49 10.12
C LEU A 63 11.67 2.52 11.61
N ILE A 64 10.88 1.56 12.07
CA ILE A 64 10.50 1.50 13.49
C ILE A 64 11.70 1.06 14.35
N ASP A 65 12.53 0.15 13.83
CA ASP A 65 13.68 -0.36 14.56
C ASP A 65 14.97 0.39 14.24
N SER A 66 14.85 1.66 13.86
CA SER A 66 16.02 2.46 13.52
C SER A 66 16.33 3.48 14.61
N ALA A 67 17.30 4.35 14.36
CA ALA A 67 17.62 5.42 15.29
C ALA A 67 16.39 6.30 15.51
N ASP A 68 16.32 6.96 16.66
CA ASP A 68 15.15 7.74 17.02
C ASP A 68 14.75 8.78 15.97
N TYR A 69 15.72 9.46 15.36
CA TYR A 69 15.38 10.54 14.44
C TYR A 69 14.70 9.98 13.20
N ILE A 70 14.98 8.72 12.88
CA ILE A 70 14.38 8.06 11.74
C ILE A 70 12.98 7.57 12.11
N HIS A 71 12.88 6.91 13.26
CA HIS A 71 11.60 6.48 13.80
C HIS A 71 10.64 7.65 13.87
N LEU A 72 11.12 8.78 14.38
CA LEU A 72 10.27 9.96 14.59
C LEU A 72 9.81 10.56 13.26
N ALA A 73 10.70 10.59 12.27
CA ALA A 73 10.35 11.11 10.95
C ALA A 73 9.20 10.31 10.35
N PHE A 74 9.23 9.00 10.54
CA PHE A 74 8.19 8.11 10.03
C PHE A 74 6.86 8.35 10.74
N LEU A 75 6.89 8.56 12.05
CA LEU A 75 5.66 8.76 12.80
C LEU A 75 5.02 10.12 12.50
N LYS A 76 5.86 11.13 12.21
CA LYS A 76 5.36 12.47 11.92
C LYS A 76 4.89 12.59 10.47
N ARG A 77 5.53 11.84 9.59
CA ARG A 77 5.20 11.82 8.16
C ARG A 77 4.97 10.40 7.64
N PRO A 78 3.97 9.69 8.20
CA PRO A 78 3.69 8.29 7.85
C PRO A 78 3.54 8.06 6.34
N GLU A 79 3.01 9.07 5.63
CA GLU A 79 2.80 8.98 4.19
C GLU A 79 4.14 8.93 3.43
N LEU A 80 5.22 9.35 4.07
CA LEU A 80 6.54 9.36 3.45
C LEU A 80 7.38 8.14 3.85
N GLY A 81 6.75 7.12 4.42
CA GLY A 81 7.46 5.89 4.78
C GLY A 81 8.38 5.32 3.70
N LEU A 82 7.88 5.22 2.48
CA LEU A 82 8.68 4.67 1.40
C LEU A 82 9.73 5.65 0.89
N THR A 83 9.42 6.94 0.97
CA THR A 83 10.41 7.96 0.63
C THR A 83 11.57 7.92 1.62
N LEU A 84 11.25 7.81 2.90
CA LEU A 84 12.27 7.66 3.93
C LEU A 84 13.08 6.37 3.74
N THR A 85 12.43 5.33 3.24
CA THR A 85 13.09 4.05 3.00
C THR A 85 14.12 4.21 1.86
N LYS A 86 13.72 4.90 0.80
CA LYS A 86 14.64 5.22 -0.29
C LYS A 86 15.79 6.09 0.22
N LEU A 87 15.47 7.10 1.02
CA LEU A 87 16.50 8.04 1.51
C LEU A 87 17.51 7.35 2.42
N HIS A 88 17.20 6.12 2.85
CA HIS A 88 18.10 5.33 3.66
C HIS A 88 19.41 5.01 2.92
N CYS A 89 19.40 5.22 1.60
CA CYS A 89 20.60 4.98 0.78
C CYS A 89 21.78 5.82 1.26
N TRP A 90 21.49 6.98 1.85
CA TRP A 90 22.54 7.86 2.37
C TRP A 90 23.19 7.34 3.64
N THR A 91 22.64 6.28 4.24
CA THR A 91 23.25 5.67 5.43
C THR A 91 24.34 4.66 5.07
N LEU A 92 24.51 4.38 3.78
CA LEU A 92 25.40 3.31 3.33
C LEU A 92 26.85 3.79 3.26
N THR A 93 27.40 4.20 4.40
CA THR A 93 28.65 4.96 4.43
C THR A 93 29.92 4.13 4.24
N HIS A 94 29.77 2.83 3.97
CA HIS A 94 30.92 2.01 3.57
C HIS A 94 31.18 2.17 2.07
N TYR A 95 30.28 2.88 1.39
CA TYR A 95 30.54 3.36 0.03
C TYR A 95 30.76 4.88 0.08
N SER A 96 31.68 5.35 -0.75
CA SER A 96 32.00 6.77 -0.81
C SER A 96 31.12 7.49 -1.82
N LYS A 97 30.68 6.76 -2.84
CA LYS A 97 29.81 7.32 -3.87
C LYS A 97 28.96 6.21 -4.47
N CYS A 98 27.68 6.52 -4.70
CA CYS A 98 26.73 5.56 -5.25
C CYS A 98 25.88 6.17 -6.35
N VAL A 99 25.32 5.30 -7.18
CA VAL A 99 24.33 5.69 -8.17
C VAL A 99 23.04 5.00 -7.79
N PHE A 100 22.00 5.79 -7.56
CA PHE A 100 20.70 5.22 -7.27
C PHE A 100 19.90 5.09 -8.56
N LEU A 101 19.32 3.91 -8.76
CA LEU A 101 18.40 3.63 -9.86
C LEU A 101 17.09 3.04 -9.32
N ASP A 102 15.96 3.68 -9.63
CA ASP A 102 14.67 3.13 -9.23
C ASP A 102 14.42 1.76 -9.87
N ALA A 103 13.58 0.96 -9.23
CA ALA A 103 13.29 -0.39 -9.70
C ALA A 103 12.46 -0.41 -10.98
N ASP A 104 12.05 0.76 -11.48
CA ASP A 104 11.34 0.83 -12.75
C ASP A 104 12.23 1.37 -13.86
N THR A 105 13.54 1.29 -13.67
CA THR A 105 14.49 1.63 -14.73
C THR A 105 15.13 0.37 -15.31
N LEU A 106 15.77 0.57 -16.46
CA LEU A 106 16.47 -0.49 -17.18
C LEU A 106 17.74 0.06 -17.80
N VAL A 107 18.86 -0.61 -17.52
CA VAL A 107 20.17 -0.21 -18.02
C VAL A 107 20.44 -0.89 -19.37
N LEU A 108 20.72 -0.09 -20.39
CA LEU A 108 20.92 -0.63 -21.75
C LEU A 108 22.40 -0.85 -22.11
N SER A 109 23.29 -0.28 -21.30
CA SER A 109 24.73 -0.47 -21.51
C SER A 109 25.47 -0.01 -20.26
N ASN A 110 26.78 -0.20 -20.22
CA ASN A 110 27.57 0.21 -19.07
C ASN A 110 27.44 1.72 -18.87
N VAL A 111 27.26 2.13 -17.61
CA VAL A 111 27.11 3.54 -17.27
C VAL A 111 28.04 3.91 -16.12
N ASP A 112 29.18 3.23 -16.05
CA ASP A 112 30.13 3.43 -14.96
C ASP A 112 30.67 4.87 -14.90
N GLU A 113 30.56 5.61 -15.99
CA GLU A 113 31.05 6.99 -16.00
C GLU A 113 30.21 7.89 -15.10
N LEU A 114 29.03 7.42 -14.68
CA LEU A 114 28.22 8.18 -13.74
C LEU A 114 28.93 8.37 -12.41
N PHE A 115 29.87 7.49 -12.09
CA PHE A 115 30.61 7.64 -10.83
C PHE A 115 31.64 8.77 -10.90
N ASP A 116 31.85 9.35 -12.09
CA ASP A 116 32.67 10.55 -12.21
C ASP A 116 31.94 11.78 -11.68
N ARG A 117 30.61 11.69 -11.64
CA ARG A 117 29.77 12.80 -11.22
C ARG A 117 29.87 12.96 -9.71
N GLY A 118 29.63 14.18 -9.22
CA GLY A 118 29.60 14.44 -7.80
C GLY A 118 28.17 14.60 -7.31
N GLU A 119 27.97 14.49 -6.00
CA GLU A 119 26.65 14.75 -5.43
C GLU A 119 26.34 16.25 -5.57
N PHE A 120 25.12 16.65 -5.91
CA PHE A 120 23.98 15.81 -6.29
C PHE A 120 23.77 15.93 -7.80
N SER A 121 23.88 14.81 -8.51
CA SER A 121 23.73 14.81 -9.97
C SER A 121 22.49 14.03 -10.39
N ALA A 122 21.73 14.60 -11.32
CA ALA A 122 20.52 13.97 -11.81
C ALA A 122 20.12 14.58 -13.14
N ALA A 123 19.21 13.91 -13.85
CA ALA A 123 18.72 14.36 -15.15
C ALA A 123 17.46 15.19 -15.00
N PRO A 124 17.22 16.11 -15.95
CA PRO A 124 15.99 16.91 -15.89
C PRO A 124 14.73 16.07 -16.05
N ASP A 125 13.67 16.49 -15.39
CA ASP A 125 12.39 15.83 -15.52
C ASP A 125 11.63 16.40 -16.72
N PRO A 126 11.10 15.54 -17.61
CA PRO A 126 10.46 16.07 -18.81
C PRO A 126 9.21 16.92 -18.57
N GLY A 127 8.57 16.80 -17.41
CA GLY A 127 7.34 17.53 -17.13
C GLY A 127 7.61 18.99 -16.76
N TRP A 128 8.47 19.17 -15.78
CA TRP A 128 8.94 20.49 -15.35
C TRP A 128 10.47 20.43 -15.30
N PRO A 129 11.14 20.81 -16.40
CA PRO A 129 12.59 20.51 -16.51
C PRO A 129 13.52 21.32 -15.60
N ASP A 130 13.02 22.25 -14.80
CA ASP A 130 13.87 22.87 -13.76
C ASP A 130 13.82 22.03 -12.49
N CYS A 131 13.06 20.95 -12.53
CA CYS A 131 13.17 19.90 -11.54
C CYS A 131 13.90 18.73 -12.16
N PHE A 132 14.68 18.04 -11.36
CA PHE A 132 15.29 16.80 -11.82
C PHE A 132 14.35 15.64 -11.53
N ASN A 133 14.48 14.58 -12.31
CA ASN A 133 13.80 13.33 -12.03
C ASN A 133 14.63 12.51 -11.03
N SER A 134 13.97 11.98 -9.99
CA SER A 134 14.67 11.30 -8.90
C SER A 134 14.82 9.78 -9.11
N GLY A 135 14.47 9.29 -10.30
CA GLY A 135 14.65 7.89 -10.61
C GLY A 135 16.11 7.48 -10.84
N VAL A 136 16.97 8.46 -11.10
CA VAL A 136 18.38 8.21 -11.31
C VAL A 136 19.22 9.35 -10.76
N PHE A 137 20.10 9.06 -9.80
CA PHE A 137 21.02 10.09 -9.34
C PHE A 137 22.32 9.55 -8.73
N VAL A 138 23.29 10.46 -8.66
CA VAL A 138 24.61 10.16 -8.10
C VAL A 138 24.70 10.90 -6.79
N PHE A 139 25.02 10.17 -5.73
CA PHE A 139 25.08 10.75 -4.41
C PHE A 139 26.25 10.21 -3.61
N GLN A 140 26.50 10.81 -2.46
CA GLN A 140 27.57 10.40 -1.59
C GLN A 140 27.01 10.14 -0.19
N PRO A 141 27.00 8.86 0.23
CA PRO A 141 26.45 8.51 1.55
C PRO A 141 27.07 9.30 2.69
N SER A 142 26.24 9.65 3.67
CA SER A 142 26.66 10.44 4.82
C SER A 142 25.52 10.51 5.82
N LEU A 143 25.81 10.16 7.07
CA LEU A 143 24.84 10.28 8.16
C LEU A 143 24.40 11.74 8.33
N HIS A 144 25.32 12.66 8.05
CA HIS A 144 25.03 14.07 8.21
C HIS A 144 23.99 14.55 7.19
N THR A 145 24.18 14.17 5.93
CA THR A 145 23.23 14.53 4.89
C THR A 145 21.89 13.85 5.16
N HIS A 146 21.95 12.58 5.57
CA HIS A 146 20.74 11.82 5.86
C HIS A 146 19.91 12.52 6.92
N LYS A 147 20.57 13.01 7.97
CA LYS A 147 19.88 13.72 9.04
C LYS A 147 19.28 15.04 8.54
N LEU A 148 20.02 15.75 7.70
CA LEU A 148 19.51 16.98 7.10
C LEU A 148 18.31 16.71 6.20
N LEU A 149 18.34 15.59 5.48
CA LEU A 149 17.23 15.23 4.60
C LEU A 149 15.99 14.92 5.41
N LEU A 150 16.16 14.23 6.53
CA LEU A 150 15.02 13.81 7.33
C LEU A 150 14.45 14.99 8.10
N GLN A 151 15.31 15.91 8.51
CA GLN A 151 14.87 17.13 9.16
C GLN A 151 14.03 17.96 8.19
N HIS A 152 14.47 18.00 6.93
CA HIS A 152 13.74 18.69 5.86
C HIS A 152 12.36 18.05 5.64
N ALA A 153 12.33 16.72 5.64
CA ALA A 153 11.09 15.98 5.44
C ALA A 153 10.10 16.24 6.58
N MET A 154 10.59 16.28 7.81
CA MET A 154 9.74 16.55 8.98
C MET A 154 9.14 17.95 8.89
N GLU A 155 9.95 18.91 8.48
CA GLU A 155 9.54 20.32 8.48
C GLU A 155 8.65 20.67 7.29
N HIS A 156 8.94 20.09 6.12
CA HIS A 156 8.34 20.56 4.87
C HIS A 156 7.55 19.48 4.12
N GLY A 157 7.70 18.22 4.51
CA GLY A 157 7.09 17.14 3.75
C GLY A 157 7.57 17.14 2.32
N SER A 158 6.68 16.82 1.38
CA SER A 158 6.99 16.79 -0.05
C SER A 158 5.81 17.35 -0.84
N PHE A 159 6.07 18.21 -1.83
CA PHE A 159 4.98 18.86 -2.54
C PHE A 159 4.30 17.93 -3.53
N ASP A 160 4.89 16.77 -3.80
CA ASP A 160 4.22 15.76 -4.65
C ASP A 160 3.96 14.46 -3.89
N GLY A 161 4.13 14.50 -2.57
CA GLY A 161 3.84 13.36 -1.71
C GLY A 161 4.78 12.18 -1.88
N ALA A 162 5.91 12.40 -2.56
CA ALA A 162 6.83 11.32 -2.89
C ALA A 162 8.27 11.81 -2.82
N ASP A 163 9.22 10.96 -3.18
CA ASP A 163 10.62 11.30 -2.96
C ASP A 163 11.06 12.43 -3.88
N GLN A 164 10.46 12.53 -5.07
CA GLN A 164 10.94 13.52 -6.05
C GLN A 164 10.67 14.95 -5.60
N GLY A 165 9.52 15.20 -4.97
CA GLY A 165 9.22 16.52 -4.44
C GLY A 165 10.21 16.88 -3.35
N LEU A 166 10.46 15.93 -2.46
CA LEU A 166 11.34 16.16 -1.32
C LEU A 166 12.79 16.37 -1.76
N LEU A 167 13.28 15.53 -2.66
CA LEU A 167 14.66 15.68 -3.12
C LEU A 167 14.86 17.00 -3.89
N ASN A 168 13.86 17.41 -4.67
CA ASN A 168 14.00 18.67 -5.40
C ASN A 168 13.99 19.87 -4.46
N SER A 169 13.17 19.79 -3.42
CA SER A 169 13.10 20.84 -2.43
C SER A 169 14.41 20.95 -1.65
N PHE A 170 15.03 19.80 -1.35
CA PHE A 170 16.28 19.81 -0.61
C PHE A 170 17.42 20.29 -1.49
N PHE A 171 17.58 19.66 -2.64
CA PHE A 171 18.60 20.05 -3.60
C PHE A 171 18.02 21.06 -4.59
N ARG A 172 17.59 22.21 -4.07
CA ARG A 172 16.75 23.12 -4.85
C ARG A 172 17.51 24.04 -5.79
N ASN A 173 18.83 24.03 -5.71
CA ASN A 173 19.66 24.84 -6.60
C ASN A 173 20.19 24.03 -7.78
N TRP A 174 19.65 22.83 -7.98
CA TRP A 174 20.12 21.96 -9.06
C TRP A 174 20.03 22.62 -10.44
N SER A 175 18.94 23.35 -10.70
CA SER A 175 18.70 23.87 -12.04
C SER A 175 19.53 25.12 -12.36
N THR A 176 20.18 25.71 -11.37
CA THR A 176 20.92 26.97 -11.58
C THR A 176 22.44 26.93 -11.33
N THR A 177 22.97 25.85 -10.79
CA THR A 177 24.31 25.91 -10.21
C THR A 177 25.46 25.33 -11.05
N ASP A 178 25.41 24.04 -11.34
CA ASP A 178 26.56 23.35 -11.94
C ASP A 178 26.12 22.38 -13.03
N ILE A 179 26.35 22.77 -14.28
CA ILE A 179 25.92 21.97 -15.43
C ILE A 179 26.47 20.54 -15.36
N HIS A 180 27.61 20.37 -14.70
CA HIS A 180 28.21 19.05 -14.59
C HIS A 180 27.44 18.13 -13.64
N LYS A 181 26.47 18.69 -12.91
CA LYS A 181 25.56 17.89 -12.09
C LYS A 181 24.21 17.68 -12.77
N HIS A 182 24.10 18.10 -14.03
CA HIS A 182 22.99 17.70 -14.88
C HIS A 182 23.37 16.46 -15.68
N LEU A 183 22.78 15.32 -15.34
CA LEU A 183 22.98 14.13 -16.13
C LEU A 183 22.28 14.31 -17.48
N PRO A 184 22.91 13.87 -18.58
CA PRO A 184 22.20 13.86 -19.85
C PRO A 184 20.94 13.02 -19.80
N PHE A 185 19.95 13.42 -20.58
CA PHE A 185 18.62 12.82 -20.52
C PHE A 185 18.68 11.32 -20.86
N ILE A 186 19.70 10.91 -21.60
CA ILE A 186 19.83 9.50 -21.98
C ILE A 186 20.17 8.59 -20.79
N TYR A 187 20.47 9.20 -19.65
CA TYR A 187 20.72 8.45 -18.43
C TYR A 187 19.48 8.32 -17.57
N ASN A 188 18.37 8.86 -18.06
CA ASN A 188 17.10 8.73 -17.37
C ASN A 188 16.01 9.06 -18.39
N LEU A 189 15.96 8.26 -19.44
CA LEU A 189 15.09 8.57 -20.57
C LEU A 189 13.69 8.05 -20.27
N SER A 190 12.82 8.98 -19.91
CA SER A 190 11.49 8.66 -19.42
C SER A 190 10.57 8.17 -20.54
N SER A 191 10.93 7.05 -21.14
CA SER A 191 10.15 6.46 -22.22
C SER A 191 10.30 4.95 -22.24
N SER A 198 8.30 12.20 -30.69
CA SER A 198 8.63 13.56 -31.09
C SER A 198 9.82 13.56 -32.04
N PRO A 199 10.05 14.69 -32.73
CA PRO A 199 11.22 14.79 -33.61
C PRO A 199 12.53 14.59 -32.85
N ALA A 200 12.57 15.00 -31.59
CA ALA A 200 13.77 14.87 -30.77
C ALA A 200 14.06 13.42 -30.45
N PHE A 201 13.00 12.65 -30.18
CA PHE A 201 13.15 11.25 -29.81
C PHE A 201 13.76 10.43 -30.95
N LYS A 202 13.24 10.61 -32.15
CA LYS A 202 13.76 9.91 -33.32
C LYS A 202 15.21 10.29 -33.59
N GLN A 203 15.57 11.52 -33.20
CA GLN A 203 16.91 12.04 -33.45
C GLN A 203 17.95 11.54 -32.46
N PHE A 204 17.59 11.49 -31.17
CA PHE A 204 18.55 11.20 -30.11
C PHE A 204 18.21 9.96 -29.28
N GLY A 205 17.00 9.43 -29.45
CA GLY A 205 16.52 8.32 -28.63
C GLY A 205 17.37 7.06 -28.70
N SER A 206 18.06 6.85 -29.82
CA SER A 206 18.82 5.63 -30.03
C SER A 206 20.02 5.51 -29.08
N SER A 207 20.49 6.66 -28.59
CA SER A 207 21.66 6.68 -27.72
C SER A 207 21.29 6.49 -26.25
N ALA A 208 20.07 6.03 -25.99
CA ALA A 208 19.58 5.84 -24.63
C ALA A 208 20.41 4.81 -23.86
N LYS A 209 20.81 5.15 -22.64
CA LYS A 209 21.62 4.25 -21.82
C LYS A 209 20.82 3.70 -20.63
N VAL A 210 19.94 4.52 -20.07
CA VAL A 210 19.04 4.07 -19.01
C VAL A 210 17.63 4.57 -19.31
N VAL A 211 16.69 3.65 -19.46
CA VAL A 211 15.30 4.05 -19.67
C VAL A 211 14.52 3.94 -18.37
N HIS A 212 13.56 4.85 -18.22
CA HIS A 212 12.76 4.97 -17.00
C HIS A 212 11.30 4.87 -17.38
N PHE A 213 10.64 3.80 -16.96
CA PHE A 213 9.23 3.59 -17.25
C PHE A 213 8.37 4.37 -16.26
N LEU A 214 7.98 5.57 -16.66
CA LEU A 214 7.12 6.42 -15.84
C LEU A 214 5.68 5.95 -15.89
N GLY A 215 4.89 6.46 -14.95
CA GLY A 215 3.47 6.12 -14.87
C GLY A 215 3.24 4.96 -13.93
N SER A 216 1.99 4.77 -13.54
CA SER A 216 1.62 3.73 -12.59
C SER A 216 1.55 2.36 -13.24
N MET A 217 1.58 2.32 -14.57
CA MET A 217 1.60 1.06 -15.31
C MET A 217 3.04 0.64 -15.58
N LYS A 218 3.57 -0.25 -14.74
CA LYS A 218 4.95 -0.69 -14.85
C LYS A 218 5.06 -1.90 -15.76
N PRO A 219 6.28 -2.22 -16.23
CA PRO A 219 6.45 -3.37 -17.14
C PRO A 219 5.86 -4.67 -16.61
N TRP A 220 5.97 -4.91 -15.31
CA TRP A 220 5.47 -6.15 -14.72
C TRP A 220 3.95 -6.17 -14.54
N ASN A 221 3.27 -5.10 -14.97
CA ASN A 221 1.80 -5.06 -14.88
C ASN A 221 1.15 -5.56 -16.16
N TYR A 222 1.95 -5.75 -17.20
CA TYR A 222 1.46 -6.30 -18.46
C TYR A 222 1.63 -7.81 -18.48
N LYS A 223 0.87 -8.48 -19.34
CA LYS A 223 0.98 -9.93 -19.53
C LYS A 223 1.55 -10.23 -20.91
N TYR A 224 2.74 -10.83 -20.94
CA TYR A 224 3.42 -11.14 -22.20
C TYR A 224 2.79 -12.36 -22.86
N GLN A 243 8.47 3.49 -25.85
CA GLN A 243 7.35 2.82 -26.50
C GLN A 243 7.46 1.30 -26.34
N ALA A 244 6.88 0.56 -27.26
CA ALA A 244 6.86 -0.90 -27.18
C ALA A 244 8.27 -1.49 -27.36
N ALA A 245 9.16 -0.69 -27.93
CA ALA A 245 10.54 -1.12 -28.15
C ALA A 245 11.27 -1.34 -26.82
N PHE A 246 11.20 -0.36 -25.95
CA PHE A 246 11.84 -0.44 -24.63
C PHE A 246 11.22 -1.52 -23.75
N LEU A 247 9.91 -1.75 -23.89
CA LEU A 247 9.22 -2.77 -23.10
C LEU A 247 9.67 -4.16 -23.50
N HIS A 248 9.95 -4.34 -24.79
CA HIS A 248 10.44 -5.62 -25.30
C HIS A 248 11.80 -5.94 -24.69
N LEU A 249 12.63 -4.92 -24.56
CA LEU A 249 13.95 -5.08 -23.97
C LEU A 249 13.84 -5.48 -22.50
N TRP A 250 12.84 -4.93 -21.83
CA TRP A 250 12.63 -5.24 -20.41
C TRP A 250 12.25 -6.71 -20.23
N TRP A 251 11.25 -7.15 -21.00
CA TRP A 251 10.77 -8.53 -20.90
C TRP A 251 11.82 -9.54 -21.33
N THR A 252 12.65 -9.18 -22.30
CA THR A 252 13.75 -10.05 -22.74
C THR A 252 14.64 -10.41 -21.56
N VAL A 253 15.02 -9.39 -20.79
CA VAL A 253 15.82 -9.59 -19.58
C VAL A 253 15.05 -10.37 -18.52
N TYR A 254 13.76 -10.06 -18.36
CA TYR A 254 12.95 -10.77 -17.37
C TYR A 254 12.86 -12.27 -17.68
N GLN A 255 12.49 -12.59 -18.91
CA GLN A 255 12.36 -13.98 -19.33
C GLN A 255 13.69 -14.73 -19.22
N ASN A 256 14.76 -14.13 -19.71
CA ASN A 256 16.05 -14.81 -19.82
C ASN A 256 16.86 -14.83 -18.53
N ASN A 257 16.73 -13.79 -17.70
CA ASN A 257 17.66 -13.57 -16.60
C ASN A 257 17.03 -13.45 -15.21
N VAL A 258 15.71 -13.36 -15.15
CA VAL A 258 15.01 -13.15 -13.88
C VAL A 258 14.11 -14.33 -13.56
N LEU A 259 13.26 -14.71 -14.51
CA LEU A 259 12.33 -15.81 -14.29
C LEU A 259 13.02 -17.12 -13.87
N PRO A 260 14.19 -17.43 -14.45
CA PRO A 260 14.88 -18.66 -14.03
C PRO A 260 15.27 -18.66 -12.55
N LEU A 261 15.63 -17.49 -12.03
CA LEU A 261 15.99 -17.35 -10.62
C LEU A 261 14.84 -17.81 -9.73
N TYR A 262 13.62 -17.45 -10.11
CA TYR A 262 12.44 -17.84 -9.35
C TYR A 262 12.36 -19.36 -9.28
N LYS A 263 12.55 -20.01 -10.42
CA LYS A 263 12.42 -21.46 -10.52
C LYS A 263 13.53 -22.21 -9.77
N SER A 264 14.77 -21.77 -9.91
CA SER A 264 15.90 -22.48 -9.31
C SER A 264 15.90 -22.34 -7.79
N VAL A 265 15.52 -21.17 -7.29
CA VAL A 265 15.39 -20.98 -5.85
C VAL A 265 14.18 -21.75 -5.33
N GLN A 266 13.16 -21.90 -6.17
CA GLN A 266 11.96 -22.66 -5.82
C GLN A 266 12.13 -24.15 -6.10
N ALA A 267 13.36 -24.66 -5.90
CA ALA A 267 13.65 -26.07 -6.10
C ALA A 267 14.76 -26.54 -5.17
N THR B 2 -17.36 -2.27 28.71
CA THR B 2 -18.24 -1.44 27.91
C THR B 2 -19.18 -2.30 27.08
N ASP B 3 -20.35 -1.75 26.73
CA ASP B 3 -21.32 -2.44 25.92
C ASP B 3 -21.27 -1.97 24.46
N GLN B 4 -20.08 -1.52 24.05
CA GLN B 4 -19.82 -1.11 22.68
C GLN B 4 -18.64 -1.88 22.09
N ALA B 5 -18.68 -2.14 20.79
CA ALA B 5 -17.61 -2.91 20.13
C ALA B 5 -17.38 -2.50 18.69
N PHE B 6 -16.14 -2.71 18.25
CA PHE B 6 -15.79 -2.76 16.84
C PHE B 6 -16.00 -4.19 16.35
N VAL B 7 -16.54 -4.32 15.13
CA VAL B 7 -16.88 -5.62 14.58
C VAL B 7 -16.32 -5.71 13.17
N THR B 8 -15.71 -6.85 12.83
CA THR B 8 -15.27 -7.11 11.47
C THR B 8 -15.61 -8.54 11.09
N LEU B 9 -15.31 -8.91 9.85
CA LEU B 9 -15.65 -10.23 9.30
C LEU B 9 -14.48 -10.79 8.51
N ALA B 10 -14.09 -12.02 8.84
CA ALA B 10 -13.11 -12.76 8.06
C ALA B 10 -13.72 -14.07 7.59
N THR B 11 -13.88 -14.22 6.28
CA THR B 11 -14.60 -15.37 5.73
C THR B 11 -13.66 -16.54 5.35
N ASN B 12 -12.35 -16.31 5.41
CA ASN B 12 -11.39 -17.39 5.20
C ASN B 12 -10.06 -17.06 5.84
N ASP B 13 -9.13 -18.02 5.84
CA ASP B 13 -7.84 -17.85 6.52
C ASP B 13 -7.04 -16.68 5.95
N ILE B 14 -7.17 -16.45 4.65
CA ILE B 14 -6.43 -15.37 4.01
C ILE B 14 -6.96 -14.01 4.47
N TYR B 15 -8.28 -13.88 4.55
CA TYR B 15 -8.87 -12.61 4.97
C TYR B 15 -8.64 -12.34 6.46
N CYS B 16 -8.36 -13.37 7.25
CA CYS B 16 -7.98 -13.19 8.64
C CYS B 16 -6.77 -12.25 8.78
N GLN B 17 -5.89 -12.26 7.78
CA GLN B 17 -4.73 -11.36 7.79
C GLN B 17 -5.17 -9.92 7.85
N GLY B 18 -6.24 -9.61 7.12
CA GLY B 18 -6.81 -8.28 7.15
C GLY B 18 -7.39 -7.97 8.51
N ALA B 19 -8.17 -8.90 9.03
CA ALA B 19 -8.83 -8.73 10.33
C ALA B 19 -7.82 -8.54 11.45
N LEU B 20 -6.71 -9.29 11.38
CA LEU B 20 -5.67 -9.20 12.39
C LEU B 20 -4.97 -7.85 12.36
N VAL B 21 -4.69 -7.34 11.16
CA VAL B 21 -4.09 -6.02 11.02
C VAL B 21 -5.07 -4.93 11.47
N LEU B 22 -6.32 -5.05 11.02
CA LEU B 22 -7.35 -4.11 11.46
C LEU B 22 -7.39 -4.09 12.98
N GLY B 23 -7.56 -5.27 13.58
CA GLY B 23 -7.62 -5.42 15.02
C GLY B 23 -6.46 -4.80 15.76
N GLN B 24 -5.23 -5.08 15.32
CA GLN B 24 -4.04 -4.55 15.97
C GLN B 24 -3.90 -3.04 15.78
N SER B 25 -4.38 -2.52 14.65
CA SER B 25 -4.32 -1.09 14.41
C SER B 25 -5.22 -0.38 15.42
N LEU B 26 -6.36 -0.99 15.74
CA LEU B 26 -7.26 -0.44 16.75
C LEU B 26 -6.60 -0.46 18.14
N ARG B 27 -5.92 -1.57 18.47
CA ARG B 27 -5.26 -1.71 19.77
C ARG B 27 -4.09 -0.75 19.92
N ARG B 28 -3.41 -0.45 18.80
CA ARG B 28 -2.33 0.52 18.84
C ARG B 28 -2.80 1.88 19.30
N HIS B 29 -3.97 2.29 18.84
CA HIS B 29 -4.46 3.65 19.07
C HIS B 29 -5.42 3.75 20.23
N ARG B 30 -5.04 3.14 21.35
CA ARG B 30 -5.73 3.34 22.62
C ARG B 30 -7.14 2.74 22.58
N LEU B 31 -7.21 1.41 22.63
CA LEU B 31 -8.49 0.71 22.54
C LEU B 31 -9.30 0.83 23.83
N THR B 32 -10.53 1.31 23.70
CA THR B 32 -11.43 1.50 24.83
C THR B 32 -12.71 0.66 24.67
N ARG B 33 -12.87 0.04 23.51
CA ARG B 33 -14.05 -0.77 23.22
C ARG B 33 -13.68 -2.24 23.01
N LYS B 34 -14.69 -3.10 22.96
CA LYS B 34 -14.48 -4.50 22.68
C LYS B 34 -14.20 -4.70 21.18
N LEU B 35 -13.45 -5.77 20.87
CA LEU B 35 -13.17 -6.12 19.48
C LEU B 35 -13.78 -7.47 19.17
N VAL B 36 -14.56 -7.53 18.10
CA VAL B 36 -15.28 -8.73 17.70
C VAL B 36 -14.94 -9.08 16.26
N VAL B 37 -14.67 -10.35 16.01
CA VAL B 37 -14.51 -10.82 14.64
C VAL B 37 -15.50 -11.94 14.36
N LEU B 38 -16.27 -11.77 13.29
CA LEU B 38 -17.14 -12.83 12.79
C LEU B 38 -16.34 -13.68 11.83
N ILE B 39 -16.54 -15.00 11.90
CA ILE B 39 -15.86 -15.92 11.01
C ILE B 39 -16.84 -16.94 10.43
N THR B 40 -16.40 -17.62 9.38
CA THR B 40 -17.17 -18.70 8.78
C THR B 40 -16.60 -20.03 9.24
N PRO B 41 -17.34 -21.12 9.01
CA PRO B 41 -16.80 -22.44 9.31
C PRO B 41 -15.49 -22.75 8.59
N GLN B 42 -15.17 -22.01 7.53
CA GLN B 42 -13.97 -22.27 6.73
C GLN B 42 -12.68 -21.76 7.39
N VAL B 43 -12.81 -20.99 8.47
CA VAL B 43 -11.65 -20.49 9.19
C VAL B 43 -11.09 -21.59 10.09
N SER B 44 -9.81 -21.88 9.94
CA SER B 44 -9.18 -23.02 10.60
C SER B 44 -8.97 -22.79 12.08
N ASP B 45 -8.81 -23.87 12.83
CA ASP B 45 -8.56 -23.80 14.26
C ASP B 45 -7.30 -22.97 14.55
N LEU B 46 -6.31 -23.06 13.67
CA LEU B 46 -5.08 -22.28 13.82
C LEU B 46 -5.37 -20.78 13.85
N LEU B 47 -6.04 -20.29 12.81
CA LEU B 47 -6.37 -18.87 12.71
C LEU B 47 -7.32 -18.43 13.83
N ARG B 48 -8.12 -19.35 14.34
CA ARG B 48 -9.01 -19.04 15.45
C ARG B 48 -8.20 -18.73 16.71
N ARG B 49 -7.17 -19.53 16.96
CA ARG B 49 -6.31 -19.31 18.12
C ARG B 49 -5.57 -17.98 17.99
N ILE B 50 -5.15 -17.66 16.78
CA ILE B 50 -4.43 -16.41 16.55
C ILE B 50 -5.40 -15.23 16.68
N LEU B 51 -6.56 -15.33 16.04
CA LEU B 51 -7.58 -14.30 16.17
C LEU B 51 -7.87 -14.00 17.64
N SER B 52 -7.88 -15.05 18.46
CA SER B 52 -8.18 -14.92 19.88
C SER B 52 -7.14 -14.12 20.64
N LYS B 53 -5.98 -13.93 20.05
CA LYS B 53 -4.93 -13.12 20.67
C LYS B 53 -5.20 -11.63 20.46
N VAL B 54 -6.14 -11.33 19.56
CA VAL B 54 -6.42 -9.95 19.16
C VAL B 54 -7.84 -9.53 19.50
N PHE B 55 -8.80 -10.42 19.25
CA PHE B 55 -10.22 -10.11 19.38
C PHE B 55 -10.82 -10.66 20.67
N ASP B 56 -11.64 -9.85 21.32
CA ASP B 56 -12.32 -10.26 22.54
C ASP B 56 -13.32 -11.37 22.26
N GLU B 57 -13.94 -11.33 21.09
CA GLU B 57 -14.85 -12.37 20.66
C GLU B 57 -14.51 -12.85 19.26
N VAL B 58 -14.49 -14.16 19.11
CA VAL B 58 -14.39 -14.81 17.80
C VAL B 58 -15.66 -15.64 17.61
N ILE B 59 -16.54 -15.16 16.73
CA ILE B 59 -17.87 -15.73 16.60
C ILE B 59 -18.07 -16.36 15.21
N GLU B 60 -18.26 -17.67 15.19
CA GLU B 60 -18.54 -18.37 13.94
C GLU B 60 -20.02 -18.20 13.56
N VAL B 61 -20.25 -17.79 12.31
CA VAL B 61 -21.60 -17.65 11.78
C VAL B 61 -21.95 -18.88 10.94
N ASN B 62 -23.04 -19.54 11.29
CA ASN B 62 -23.46 -20.74 10.57
C ASN B 62 -24.98 -20.94 10.61
N LEU B 63 -25.43 -22.06 10.05
CA LEU B 63 -26.84 -22.42 10.02
C LEU B 63 -27.08 -23.78 10.67
N SER B 66 -30.01 -22.10 13.50
CA SER B 66 -30.46 -20.76 13.16
C SER B 66 -31.96 -20.76 12.82
N ALA B 67 -32.59 -19.62 13.05
CA ALA B 67 -34.04 -19.48 12.83
C ALA B 67 -34.44 -19.65 11.37
N ASP B 68 -35.70 -20.00 11.17
CA ASP B 68 -36.24 -20.21 9.83
C ASP B 68 -36.07 -18.99 8.91
N TYR B 69 -36.25 -17.79 9.46
CA TYR B 69 -36.18 -16.59 8.64
C TYR B 69 -34.77 -16.38 8.08
N ILE B 70 -33.76 -16.89 8.79
N ILE B 70 -33.76 -16.89 8.79
CA ILE B 70 -32.38 -16.83 8.32
CA ILE B 70 -32.39 -16.82 8.33
C ILE B 70 -32.13 -17.89 7.26
C ILE B 70 -32.13 -17.87 7.25
N HIS B 71 -32.54 -19.13 7.57
N HIS B 71 -32.56 -19.10 7.54
CA HIS B 71 -32.37 -20.26 6.65
CA HIS B 71 -32.34 -20.22 6.64
C HIS B 71 -32.92 -19.94 5.26
C HIS B 71 -32.92 -19.96 5.25
N LEU B 72 -34.11 -19.36 5.20
CA LEU B 72 -34.79 -19.11 3.94
C LEU B 72 -34.01 -18.15 3.05
N ALA B 73 -33.57 -17.03 3.62
CA ALA B 73 -32.74 -16.08 2.88
C ALA B 73 -31.48 -16.77 2.31
N PHE B 74 -30.78 -17.51 3.15
CA PHE B 74 -29.54 -18.19 2.73
C PHE B 74 -29.78 -19.18 1.58
N LEU B 75 -30.83 -19.99 1.69
CA LEU B 75 -31.08 -21.03 0.69
C LEU B 75 -31.70 -20.46 -0.58
N LYS B 76 -32.44 -19.37 -0.46
CA LYS B 76 -33.06 -18.74 -1.62
C LYS B 76 -32.05 -18.01 -2.49
N ARG B 77 -31.10 -17.33 -1.85
CA ARG B 77 -30.12 -16.51 -2.55
C ARG B 77 -28.70 -16.87 -2.15
N PRO B 78 -28.18 -17.99 -2.68
CA PRO B 78 -26.82 -18.44 -2.35
C PRO B 78 -25.76 -17.40 -2.67
N GLU B 79 -26.04 -16.49 -3.58
CA GLU B 79 -25.09 -15.46 -3.96
C GLU B 79 -24.86 -14.46 -2.83
N LEU B 80 -25.79 -14.39 -1.89
CA LEU B 80 -25.70 -13.43 -0.78
C LEU B 80 -25.14 -14.04 0.49
N GLY B 81 -24.55 -15.23 0.37
CA GLY B 81 -24.01 -15.93 1.53
C GLY B 81 -23.07 -15.10 2.39
N LEU B 82 -22.16 -14.37 1.75
CA LEU B 82 -21.21 -13.54 2.50
C LEU B 82 -21.88 -12.28 3.01
N THR B 83 -22.79 -11.70 2.23
CA THR B 83 -23.58 -10.55 2.69
C THR B 83 -24.34 -10.88 3.97
N LEU B 84 -25.04 -12.01 3.97
CA LEU B 84 -25.86 -12.39 5.12
C LEU B 84 -25.00 -12.74 6.31
N THR B 85 -23.79 -13.24 6.05
CA THR B 85 -22.82 -13.50 7.10
C THR B 85 -22.42 -12.19 7.79
N LYS B 86 -22.18 -11.16 6.99
CA LYS B 86 -21.86 -9.85 7.52
C LYS B 86 -23.00 -9.28 8.38
N LEU B 87 -24.24 -9.48 7.91
CA LEU B 87 -25.42 -8.93 8.61
C LEU B 87 -25.67 -9.58 9.96
N HIS B 88 -24.99 -10.69 10.21
CA HIS B 88 -25.04 -11.31 11.53
C HIS B 88 -24.63 -10.33 12.63
N CYS B 89 -23.90 -9.28 12.25
CA CYS B 89 -23.47 -8.27 13.21
C CYS B 89 -24.67 -7.66 13.95
N TRP B 90 -25.84 -7.66 13.32
CA TRP B 90 -27.01 -7.07 13.96
C TRP B 90 -27.61 -7.97 15.05
N THR B 91 -27.15 -9.22 15.15
CA THR B 91 -27.63 -10.13 16.19
C THR B 91 -26.85 -9.97 17.50
N LEU B 92 -25.76 -9.20 17.48
CA LEU B 92 -24.91 -9.06 18.67
C LEU B 92 -25.54 -8.12 19.70
N THR B 93 -26.70 -8.52 20.23
CA THR B 93 -27.53 -7.64 21.04
C THR B 93 -27.00 -7.41 22.46
N HIS B 94 -25.89 -8.05 22.81
CA HIS B 94 -25.22 -7.74 24.07
C HIS B 94 -24.38 -6.47 23.95
N TYR B 95 -24.29 -5.91 22.75
CA TYR B 95 -23.78 -4.55 22.55
C TYR B 95 -24.93 -3.62 22.17
N SER B 96 -24.88 -2.39 22.68
CA SER B 96 -25.91 -1.39 22.42
C SER B 96 -25.61 -0.62 21.13
N LYS B 97 -24.32 -0.48 20.81
CA LYS B 97 -23.91 0.22 19.61
C LYS B 97 -22.55 -0.32 19.15
N CYS B 98 -22.40 -0.47 17.85
CA CYS B 98 -21.17 -0.99 17.27
C CYS B 98 -20.71 -0.20 16.05
N VAL B 99 -19.42 -0.30 15.75
CA VAL B 99 -18.86 0.20 14.52
C VAL B 99 -18.39 -1.03 13.73
N PHE B 100 -18.94 -1.22 12.54
CA PHE B 100 -18.46 -2.27 11.67
C PHE B 100 -17.36 -1.73 10.79
N LEU B 101 -16.28 -2.50 10.66
CA LEU B 101 -15.16 -2.17 9.80
C LEU B 101 -14.80 -3.40 8.98
N ASP B 102 -14.78 -3.27 7.65
CA ASP B 102 -14.42 -4.40 6.79
C ASP B 102 -12.97 -4.79 7.06
N ALA B 103 -12.66 -6.07 6.84
CA ALA B 103 -11.34 -6.61 7.12
C ALA B 103 -10.24 -6.05 6.23
N ASP B 104 -10.60 -5.31 5.19
CA ASP B 104 -9.63 -4.67 4.31
C ASP B 104 -9.49 -3.17 4.58
N THR B 105 -9.75 -2.77 5.83
CA THR B 105 -9.53 -1.39 6.26
C THR B 105 -8.43 -1.34 7.30
N LEU B 106 -7.93 -0.14 7.55
CA LEU B 106 -6.82 0.07 8.45
C LEU B 106 -7.07 1.35 9.20
N VAL B 107 -6.98 1.29 10.53
CA VAL B 107 -7.22 2.46 11.37
C VAL B 107 -5.90 3.20 11.64
N LEU B 108 -5.90 4.50 11.39
CA LEU B 108 -4.68 5.31 11.48
C LEU B 108 -4.62 6.15 12.75
N SER B 109 -5.70 6.13 13.53
CA SER B 109 -5.85 7.00 14.68
C SER B 109 -7.04 6.51 15.50
N ASN B 110 -7.09 6.87 16.78
CA ASN B 110 -8.24 6.53 17.59
C ASN B 110 -9.49 7.15 16.97
N VAL B 111 -10.54 6.35 16.81
CA VAL B 111 -11.78 6.84 16.20
C VAL B 111 -12.99 6.62 17.12
N ASP B 112 -12.78 6.71 18.43
CA ASP B 112 -13.83 6.43 19.40
C ASP B 112 -15.01 7.41 19.28
N GLU B 113 -14.78 8.55 18.64
CA GLU B 113 -15.83 9.55 18.46
C GLU B 113 -16.96 9.02 17.57
N LEU B 114 -16.70 7.96 16.82
CA LEU B 114 -17.71 7.35 15.97
C LEU B 114 -18.89 6.82 16.77
N PHE B 115 -18.65 6.48 18.04
CA PHE B 115 -19.72 5.97 18.90
C PHE B 115 -20.65 7.09 19.39
N ASP B 116 -20.33 8.34 19.06
CA ASP B 116 -21.25 9.45 19.30
C ASP B 116 -22.34 9.47 18.23
N ARG B 117 -22.12 8.75 17.14
CA ARG B 117 -23.05 8.67 16.03
C ARG B 117 -24.15 7.65 16.32
N GLY B 118 -25.26 7.77 15.62
CA GLY B 118 -26.35 6.81 15.74
C GLY B 118 -26.53 5.99 14.47
N GLU B 119 -27.17 4.82 14.59
CA GLU B 119 -27.53 4.06 13.41
C GLU B 119 -28.44 4.92 12.52
N PHE B 120 -28.31 4.87 11.19
CA PHE B 120 -27.25 4.20 10.44
C PHE B 120 -26.32 5.29 9.90
N SER B 121 -25.07 5.30 10.37
CA SER B 121 -24.09 6.30 9.95
C SER B 121 -22.97 5.67 9.15
N ALA B 122 -22.66 6.30 8.02
CA ALA B 122 -21.69 5.80 7.06
C ALA B 122 -21.13 6.95 6.23
N ALA B 123 -20.01 6.70 5.58
CA ALA B 123 -19.37 7.72 4.75
C ALA B 123 -19.85 7.57 3.32
N PRO B 124 -19.84 8.66 2.55
CA PRO B 124 -20.22 8.58 1.14
C PRO B 124 -19.24 7.76 0.30
N ASP B 125 -19.79 7.07 -0.70
CA ASP B 125 -18.97 6.28 -1.63
C ASP B 125 -18.57 7.13 -2.83
N PRO B 126 -17.25 7.18 -3.17
CA PRO B 126 -16.88 7.91 -4.38
C PRO B 126 -17.51 7.27 -5.61
N GLY B 127 -17.76 8.05 -6.65
CA GLY B 127 -18.38 7.52 -7.86
C GLY B 127 -19.87 7.78 -7.88
N TRP B 128 -20.59 7.23 -6.91
CA TRP B 128 -21.99 7.57 -6.68
C TRP B 128 -22.19 8.02 -5.23
N PRO B 129 -21.92 9.30 -4.95
CA PRO B 129 -21.82 9.77 -3.57
C PRO B 129 -23.14 9.90 -2.83
N ASP B 130 -24.27 9.65 -3.49
CA ASP B 130 -25.56 9.56 -2.80
C ASP B 130 -25.81 8.16 -2.24
N CYS B 131 -24.86 7.25 -2.48
CA CYS B 131 -24.80 5.98 -1.78
C CYS B 131 -23.65 6.02 -0.78
N PHE B 132 -23.80 5.33 0.35
CA PHE B 132 -22.71 5.22 1.31
C PHE B 132 -21.88 3.99 0.97
N ASN B 133 -20.61 4.01 1.38
CA ASN B 133 -19.77 2.82 1.31
C ASN B 133 -20.04 1.98 2.55
N SER B 134 -20.27 0.69 2.39
CA SER B 134 -20.64 -0.15 3.52
C SER B 134 -19.45 -0.75 4.24
N GLY B 135 -18.25 -0.22 4.00
CA GLY B 135 -17.04 -0.75 4.60
C GLY B 135 -16.85 -0.28 6.02
N VAL B 136 -17.52 0.81 6.36
CA VAL B 136 -17.43 1.42 7.68
C VAL B 136 -18.79 1.99 8.04
N PHE B 137 -19.39 1.51 9.11
CA PHE B 137 -20.65 2.11 9.55
C PHE B 137 -20.94 1.91 11.03
N VAL B 138 -21.83 2.78 11.54
CA VAL B 138 -22.24 2.73 12.92
C VAL B 138 -23.66 2.21 12.93
N PHE B 139 -23.90 1.17 13.70
CA PHE B 139 -25.22 0.53 13.75
C PHE B 139 -25.54 0.13 15.19
N GLN B 140 -26.79 -0.25 15.42
CA GLN B 140 -27.25 -0.70 16.73
C GLN B 140 -27.82 -2.12 16.61
N PRO B 141 -27.14 -3.11 17.22
CA PRO B 141 -27.66 -4.48 17.15
C PRO B 141 -29.14 -4.57 17.56
N SER B 142 -29.90 -5.33 16.79
CA SER B 142 -31.33 -5.49 17.04
C SER B 142 -31.83 -6.69 16.25
N LEU B 143 -32.50 -7.59 16.95
CA LEU B 143 -33.09 -8.77 16.32
C LEU B 143 -34.19 -8.36 15.33
N HIS B 144 -34.95 -7.32 15.69
CA HIS B 144 -35.99 -6.82 14.79
C HIS B 144 -35.40 -6.26 13.50
N THR B 145 -34.34 -5.46 13.63
CA THR B 145 -33.70 -4.89 12.45
C THR B 145 -33.11 -6.00 11.57
N HIS B 146 -32.52 -7.00 12.21
CA HIS B 146 -31.92 -8.13 11.49
C HIS B 146 -32.98 -8.87 10.68
N LYS B 147 -34.16 -9.07 11.30
CA LYS B 147 -35.26 -9.73 10.62
C LYS B 147 -35.69 -8.93 9.39
N LEU B 148 -35.81 -7.62 9.55
CA LEU B 148 -36.25 -6.76 8.46
C LEU B 148 -35.23 -6.74 7.34
N LEU B 149 -33.94 -6.69 7.69
CA LEU B 149 -32.88 -6.75 6.70
C LEU B 149 -32.94 -8.04 5.90
N LEU B 150 -33.10 -9.16 6.58
CA LEU B 150 -33.08 -10.46 5.91
C LEU B 150 -34.33 -10.65 5.07
N GLN B 151 -35.46 -10.15 5.57
N GLN B 151 -35.45 -10.15 5.59
CA GLN B 151 -36.69 -10.22 4.79
CA GLN B 151 -36.70 -10.13 4.87
C GLN B 151 -36.50 -9.39 3.52
C GLN B 151 -36.51 -9.38 3.56
N HIS B 152 -35.85 -8.24 3.66
CA HIS B 152 -35.58 -7.39 2.51
C HIS B 152 -34.62 -8.09 1.54
N ALA B 153 -33.60 -8.74 2.10
CA ALA B 153 -32.66 -9.52 1.29
C ALA B 153 -33.41 -10.65 0.56
N MET B 154 -34.21 -11.40 1.32
CA MET B 154 -34.96 -12.52 0.77
C MET B 154 -35.91 -12.05 -0.34
N GLU B 155 -36.61 -10.95 -0.08
CA GLU B 155 -37.62 -10.44 -1.02
C GLU B 155 -37.00 -9.84 -2.28
N HIS B 156 -35.98 -9.00 -2.13
CA HIS B 156 -35.46 -8.18 -3.23
C HIS B 156 -34.01 -8.45 -3.63
N GLY B 157 -33.24 -9.05 -2.74
CA GLY B 157 -31.83 -9.32 -3.03
C GLY B 157 -30.97 -8.07 -2.88
N SER B 158 -29.89 -7.99 -3.66
CA SER B 158 -29.01 -6.82 -3.68
C SER B 158 -28.71 -6.36 -5.11
N PHE B 159 -28.86 -5.07 -5.38
CA PHE B 159 -28.69 -4.57 -6.74
C PHE B 159 -27.24 -4.56 -7.21
N ASP B 160 -26.30 -4.93 -6.33
CA ASP B 160 -24.90 -5.10 -6.74
C ASP B 160 -24.35 -6.47 -6.33
N GLY B 161 -25.25 -7.36 -5.91
CA GLY B 161 -24.87 -8.70 -5.51
C GLY B 161 -24.06 -8.77 -4.22
N ALA B 162 -23.88 -7.62 -3.57
CA ALA B 162 -23.08 -7.54 -2.35
C ALA B 162 -23.84 -6.83 -1.23
N ASP B 163 -23.15 -6.61 -0.11
CA ASP B 163 -23.79 -6.03 1.05
C ASP B 163 -24.05 -4.54 0.88
N GLN B 164 -23.27 -3.89 0.04
CA GLN B 164 -23.41 -2.45 -0.13
C GLN B 164 -24.73 -2.10 -0.82
N GLY B 165 -25.12 -2.90 -1.81
CA GLY B 165 -26.38 -2.68 -2.50
C GLY B 165 -27.58 -2.95 -1.60
N LEU B 166 -27.50 -4.02 -0.82
CA LEU B 166 -28.58 -4.41 0.10
C LEU B 166 -28.74 -3.37 1.18
N LEU B 167 -27.63 -2.89 1.73
CA LEU B 167 -27.67 -1.94 2.83
C LEU B 167 -28.12 -0.55 2.35
N ASN B 168 -27.66 -0.12 1.18
CA ASN B 168 -28.12 1.16 0.65
C ASN B 168 -29.63 1.10 0.34
N SER B 169 -30.10 -0.06 -0.08
CA SER B 169 -31.51 -0.25 -0.41
C SER B 169 -32.37 -0.16 0.85
N PHE B 170 -31.87 -0.76 1.94
CA PHE B 170 -32.61 -0.77 3.19
C PHE B 170 -32.54 0.57 3.90
N PHE B 171 -31.35 1.15 3.98
CA PHE B 171 -31.15 2.47 4.56
C PHE B 171 -31.14 3.53 3.44
N ARG B 172 -32.26 3.56 2.74
CA ARG B 172 -32.41 4.31 1.49
C ARG B 172 -32.40 5.83 1.65
N ASN B 173 -32.70 6.31 2.84
CA ASN B 173 -32.83 7.74 3.07
C ASN B 173 -31.52 8.40 3.55
N TRP B 174 -30.45 7.61 3.58
CA TRP B 174 -29.17 8.09 4.13
C TRP B 174 -28.76 9.43 3.53
N SER B 175 -28.96 9.61 2.23
CA SER B 175 -28.42 10.78 1.55
C SER B 175 -29.29 12.04 1.69
N THR B 176 -30.48 11.92 2.28
CA THR B 176 -31.43 13.04 2.34
C THR B 176 -31.95 13.42 3.74
N THR B 177 -31.76 12.56 4.73
CA THR B 177 -32.46 12.74 6.00
C THR B 177 -31.76 13.67 6.99
N ASP B 178 -30.54 13.31 7.36
CA ASP B 178 -29.86 13.93 8.50
C ASP B 178 -28.34 13.88 8.31
N ILE B 179 -27.71 15.04 8.25
CA ILE B 179 -26.28 15.14 7.93
C ILE B 179 -25.42 14.44 9.00
N HIS B 180 -25.92 14.39 10.23
CA HIS B 180 -25.19 13.79 11.34
C HIS B 180 -24.91 12.29 11.16
N LYS B 181 -25.58 11.68 10.19
CA LYS B 181 -25.33 10.28 9.87
C LYS B 181 -24.44 10.13 8.63
N HIS B 182 -23.91 11.26 8.17
CA HIS B 182 -22.86 11.24 7.16
C HIS B 182 -21.51 11.30 7.86
N LEU B 183 -20.82 10.18 7.86
CA LEU B 183 -19.45 10.17 8.39
C LEU B 183 -18.56 10.94 7.43
N PRO B 184 -17.67 11.78 7.97
CA PRO B 184 -16.67 12.39 7.09
C PRO B 184 -15.88 11.34 6.30
N PHE B 185 -15.53 11.70 5.07
CA PHE B 185 -14.84 10.79 4.15
C PHE B 185 -13.53 10.24 4.73
N ILE B 186 -12.93 10.95 5.69
CA ILE B 186 -11.67 10.50 6.27
C ILE B 186 -11.83 9.31 7.20
N TYR B 187 -13.08 8.90 7.45
CA TYR B 187 -13.37 7.72 8.26
C TYR B 187 -13.55 6.49 7.37
N ASN B 188 -13.47 6.69 6.06
CA ASN B 188 -13.53 5.58 5.11
C ASN B 188 -12.94 6.05 3.78
N LEU B 189 -11.63 6.25 3.78
CA LEU B 189 -10.95 6.85 2.64
C LEU B 189 -10.58 5.75 1.63
N SER B 190 -11.26 5.74 0.49
CA SER B 190 -11.02 4.75 -0.55
C SER B 190 -9.59 4.86 -1.12
N SER B 191 -8.93 3.71 -1.29
CA SER B 191 -7.56 3.71 -1.82
C SER B 191 -7.55 4.00 -3.33
N ASN B 192 -8.72 4.06 -3.95
CA ASN B 192 -8.82 4.48 -5.35
C ASN B 192 -8.59 5.99 -5.50
N THR B 193 -9.00 6.74 -4.48
CA THR B 193 -8.92 8.20 -4.49
C THR B 193 -7.47 8.70 -4.62
N MET B 194 -6.53 7.84 -4.28
CA MET B 194 -5.12 8.22 -4.22
C MET B 194 -4.29 7.56 -5.33
N TYR B 195 -4.98 7.11 -6.38
CA TYR B 195 -4.30 6.56 -7.55
C TYR B 195 -3.57 7.70 -8.26
N THR B 196 -4.22 8.85 -8.32
CA THR B 196 -3.60 10.09 -8.79
C THR B 196 -3.52 11.07 -7.62
N TYR B 197 -2.53 11.96 -7.68
CA TYR B 197 -2.33 12.93 -6.61
C TYR B 197 -3.25 14.14 -6.80
N SER B 198 -4.55 13.90 -6.66
CA SER B 198 -5.55 14.94 -6.92
C SER B 198 -5.43 16.10 -5.94
N PRO B 199 -5.89 17.30 -6.34
CA PRO B 199 -5.82 18.47 -5.46
C PRO B 199 -6.52 18.23 -4.12
N ALA B 200 -7.67 17.58 -4.13
CA ALA B 200 -8.41 17.28 -2.90
C ALA B 200 -7.59 16.38 -1.97
N PHE B 201 -7.05 15.29 -2.50
CA PHE B 201 -6.27 14.36 -1.68
C PHE B 201 -5.05 15.06 -1.09
N LYS B 202 -4.40 15.91 -1.88
CA LYS B 202 -3.24 16.67 -1.38
C LYS B 202 -3.68 17.57 -0.22
N GLN B 203 -4.82 18.24 -0.39
CA GLN B 203 -5.31 19.19 0.60
C GLN B 203 -5.78 18.51 1.87
N PHE B 204 -6.55 17.43 1.73
CA PHE B 204 -7.27 16.83 2.87
C PHE B 204 -6.79 15.43 3.27
N GLY B 205 -6.03 14.78 2.40
CA GLY B 205 -5.65 13.38 2.63
C GLY B 205 -4.95 13.10 3.94
N SER B 206 -4.17 14.07 4.43
CA SER B 206 -3.37 13.88 5.64
C SER B 206 -4.22 13.69 6.90
N SER B 207 -5.48 14.07 6.83
CA SER B 207 -6.37 13.98 7.99
C SER B 207 -7.10 12.62 8.04
N ALA B 208 -6.74 11.72 7.12
CA ALA B 208 -7.30 10.36 7.08
C ALA B 208 -7.19 9.64 8.42
N LYS B 209 -8.29 9.00 8.83
CA LYS B 209 -8.33 8.25 10.08
C LYS B 209 -8.51 6.76 9.84
N VAL B 210 -9.16 6.42 8.73
CA VAL B 210 -9.37 5.03 8.34
C VAL B 210 -9.21 4.95 6.83
N VAL B 211 -8.40 4.00 6.36
CA VAL B 211 -8.19 3.80 4.94
C VAL B 211 -8.83 2.47 4.53
N HIS B 212 -9.35 2.42 3.32
CA HIS B 212 -10.08 1.28 2.80
C HIS B 212 -9.46 0.77 1.53
N PHE B 213 -8.89 -0.42 1.57
CA PHE B 213 -8.19 -0.99 0.43
C PHE B 213 -9.12 -1.71 -0.50
N LEU B 214 -9.42 -1.07 -1.62
CA LEU B 214 -10.32 -1.63 -2.64
C LEU B 214 -9.52 -2.20 -3.79
N GLY B 215 -10.22 -2.62 -4.83
CA GLY B 215 -9.60 -3.25 -5.98
C GLY B 215 -9.38 -4.72 -5.70
N SER B 216 -9.16 -5.49 -6.75
CA SER B 216 -8.93 -6.92 -6.62
C SER B 216 -7.66 -7.22 -5.81
N MET B 217 -6.77 -6.23 -5.74
CA MET B 217 -5.45 -6.44 -5.14
C MET B 217 -5.39 -5.97 -3.70
N LYS B 218 -5.54 -6.90 -2.76
CA LYS B 218 -5.50 -6.57 -1.34
C LYS B 218 -4.04 -6.48 -0.88
N PRO B 219 -3.79 -5.81 0.26
CA PRO B 219 -2.43 -5.65 0.75
C PRO B 219 -1.68 -6.98 0.87
N TRP B 220 -2.37 -8.02 1.29
CA TRP B 220 -1.74 -9.32 1.47
C TRP B 220 -1.43 -10.03 0.15
N ASN B 221 -1.91 -9.48 -0.96
CA ASN B 221 -1.62 -10.04 -2.28
C ASN B 221 -0.24 -9.63 -2.81
N TYR B 222 0.43 -8.73 -2.10
CA TYR B 222 1.73 -8.19 -2.53
C TYR B 222 2.91 -8.99 -2.00
N LYS B 223 2.63 -10.03 -1.20
CA LYS B 223 3.67 -10.84 -0.58
C LYS B 223 3.45 -12.31 -0.88
N TYR B 224 4.54 -13.00 -1.22
CA TYR B 224 4.49 -14.43 -1.51
C TYR B 224 3.90 -15.24 -0.35
N SER B 236 -0.83 -8.08 -10.85
CA SER B 236 -0.46 -7.42 -12.10
C SER B 236 -1.33 -6.20 -12.39
N VAL B 237 -2.07 -5.74 -11.37
CA VAL B 237 -2.88 -4.53 -11.49
C VAL B 237 -2.06 -3.31 -11.08
N SER B 238 -2.27 -2.21 -11.79
CA SER B 238 -1.53 -0.97 -11.55
C SER B 238 -1.66 -0.47 -10.12
N SER B 239 -0.59 0.13 -9.61
CA SER B 239 -0.54 0.66 -8.25
C SER B 239 0.20 2.00 -8.18
N SER B 240 -0.33 2.91 -7.36
CA SER B 240 0.19 4.27 -7.24
C SER B 240 1.24 4.42 -6.13
N GLN B 241 2.07 5.46 -6.22
CA GLN B 241 3.05 5.76 -5.18
C GLN B 241 2.37 6.08 -3.85
N HIS B 242 1.28 6.81 -3.92
CA HIS B 242 0.57 7.23 -2.71
C HIS B 242 -0.31 6.09 -2.17
N GLN B 243 -0.74 5.21 -3.07
CA GLN B 243 -1.35 3.95 -2.63
C GLN B 243 -0.30 3.11 -1.96
N ALA B 244 0.89 3.04 -2.56
CA ALA B 244 1.98 2.25 -2.01
C ALA B 244 2.27 2.70 -0.58
N ALA B 245 2.25 4.01 -0.36
CA ALA B 245 2.46 4.57 0.98
C ALA B 245 1.56 3.93 2.04
N PHE B 246 0.28 3.78 1.70
CA PHE B 246 -0.67 3.19 2.64
C PHE B 246 -0.50 1.68 2.71
N LEU B 247 -0.13 1.05 1.60
CA LEU B 247 0.25 -0.36 1.63
C LEU B 247 1.35 -0.59 2.66
N HIS B 248 2.32 0.32 2.69
CA HIS B 248 3.45 0.17 3.60
C HIS B 248 2.98 0.32 5.05
N LEU B 249 2.04 1.21 5.31
CA LEU B 249 1.52 1.36 6.67
C LEU B 249 0.83 0.06 7.10
N TRP B 250 0.07 -0.56 6.20
CA TRP B 250 -0.58 -1.84 6.48
C TRP B 250 0.46 -2.89 6.88
N TRP B 251 1.53 -2.97 6.09
CA TRP B 251 2.57 -3.98 6.32
C TRP B 251 3.41 -3.66 7.55
N THR B 252 3.48 -2.39 7.92
CA THR B 252 4.16 -2.02 9.16
C THR B 252 3.41 -2.65 10.35
N VAL B 253 2.09 -2.51 10.37
CA VAL B 253 1.28 -3.14 11.42
C VAL B 253 1.41 -4.66 11.36
N TYR B 254 1.37 -5.22 10.14
CA TYR B 254 1.50 -6.67 9.98
C TYR B 254 2.83 -7.18 10.52
N GLN B 255 3.92 -6.60 10.03
CA GLN B 255 5.25 -7.10 10.38
C GLN B 255 5.52 -6.96 11.88
N ASN B 256 5.11 -5.83 12.45
CA ASN B 256 5.37 -5.56 13.86
C ASN B 256 4.35 -6.13 14.86
N ASN B 257 3.07 -6.14 14.49
CA ASN B 257 2.00 -6.49 15.44
C ASN B 257 1.26 -7.80 15.16
N VAL B 258 1.38 -8.33 13.94
CA VAL B 258 0.66 -9.54 13.56
C VAL B 258 1.59 -10.73 13.37
N LEU B 259 2.68 -10.55 12.63
CA LEU B 259 3.57 -11.66 12.33
C LEU B 259 4.05 -12.40 13.59
N PRO B 260 4.40 -11.67 14.66
CA PRO B 260 4.79 -12.34 15.91
C PRO B 260 3.74 -13.32 16.43
N LEU B 261 2.46 -12.99 16.25
CA LEU B 261 1.37 -13.82 16.75
C LEU B 261 1.37 -15.22 16.14
N TYR B 262 1.71 -15.31 14.86
CA TYR B 262 1.69 -16.60 14.17
C TYR B 262 2.70 -17.57 14.77
N LYS B 263 3.69 -17.03 15.47
CA LYS B 263 4.71 -17.82 16.15
C LYS B 263 4.67 -17.58 17.66
#